data_7R1K
#
_entry.id   7R1K
#
_cell.length_a   57.396
_cell.length_b   42.843
_cell.length_c   62.660
_cell.angle_alpha   90.000
_cell.angle_beta   91.280
_cell.angle_gamma   90.000
#
_symmetry.space_group_name_H-M   'C 1 2 1'
#
loop_
_entity.id
_entity.type
_entity.pdbx_description
1 polymer Lipase
2 non-polymer 'OXALOACETATE ION'
3 non-polymer 'DIETHYL PHOSPHONATE'
4 water water
#
_entity_poly.entity_id   1
_entity_poly.type   'polypeptide(L)'
_entity_poly.pdbx_seq_one_letter_code
;MAEHNPVVMVHGMGGASYNFASIKSYLVTQGWDRNQLFAIDFIDKTGNNRNNGPRLSRFVKDVLGKTGAKKVDIVAHSMG
GANTLYYIKNLDGGDKIENVVTLGGANGLVSLRALPGTDPNQKILYTSVYSSADMIVVNSLSRLIGARNVLIHGVGHISL
LASSQVKGYIKEGLNGGGQNTNLEHHHHHH
;
_entity_poly.pdbx_strand_id   A
#
# COMPACT_ATOMS: atom_id res chain seq x y z
N HIS A 4 4.83 15.97 -2.72
CA HIS A 4 4.42 14.61 -2.38
C HIS A 4 3.31 14.57 -1.33
N ASN A 5 2.36 13.63 -1.47
CA ASN A 5 1.42 13.37 -0.40
C ASN A 5 2.12 12.72 0.78
N PRO A 6 1.53 12.81 1.98
CA PRO A 6 1.99 11.97 3.08
C PRO A 6 1.85 10.50 2.70
N VAL A 7 2.77 9.67 3.18
CA VAL A 7 2.79 8.25 2.87
C VAL A 7 2.44 7.46 4.13
N VAL A 8 1.42 6.61 4.03
CA VAL A 8 1.00 5.72 5.09
C VAL A 8 1.43 4.31 4.69
N MET A 9 2.23 3.68 5.56
CA MET A 9 2.82 2.37 5.30
C MET A 9 2.12 1.34 6.19
N VAL A 10 1.66 0.26 5.57
CA VAL A 10 0.70 -0.69 6.18
C VAL A 10 1.31 -2.09 6.15
N HIS A 11 1.62 -2.64 7.35
CA HIS A 11 2.26 -3.93 7.47
C HIS A 11 1.25 -5.08 7.35
N GLY A 12 1.80 -6.28 7.23
CA GLY A 12 1.01 -7.49 7.05
C GLY A 12 0.94 -8.33 8.31
N MET A 13 0.54 -9.58 8.14
CA MET A 13 0.37 -10.49 9.27
C MET A 13 1.70 -10.65 10.01
N GLY A 14 1.64 -10.55 11.34
CA GLY A 14 2.82 -10.66 12.18
C GLY A 14 3.80 -9.53 12.03
N GLY A 15 3.42 -8.44 11.37
CA GLY A 15 4.33 -7.37 11.05
C GLY A 15 4.27 -6.24 12.07
N ALA A 16 5.03 -5.21 11.75
CA ALA A 16 5.13 -4.03 12.61
C ALA A 16 5.65 -2.87 11.77
N SER A 17 5.52 -1.67 12.34
CA SER A 17 5.96 -0.50 11.62
C SER A 17 7.43 -0.57 11.26
N TYR A 18 8.28 -1.21 12.09
N TYR A 18 8.25 -1.22 12.11
CA TYR A 18 9.69 -1.25 11.76
CA TYR A 18 9.67 -1.34 11.84
C TYR A 18 9.99 -2.11 10.54
C TYR A 18 9.97 -2.09 10.54
N ASN A 19 9.01 -2.86 10.04
CA ASN A 19 9.20 -3.56 8.76
C ASN A 19 9.56 -2.60 7.63
N PHE A 20 9.15 -1.33 7.74
CA PHE A 20 9.32 -0.36 6.67
C PHE A 20 10.55 0.51 6.87
N ALA A 21 11.44 0.14 7.78
CA ALA A 21 12.57 1.00 8.08
C ALA A 21 13.44 1.25 6.86
N SER A 22 13.71 0.21 6.07
CA SER A 22 14.60 0.38 4.92
C SER A 22 13.92 1.13 3.79
N ILE A 23 12.61 0.92 3.59
CA ILE A 23 11.87 1.70 2.61
C ILE A 23 11.82 3.16 3.00
N LYS A 24 11.65 3.45 4.29
CA LYS A 24 11.69 4.84 4.73
C LYS A 24 13.05 5.47 4.42
N SER A 25 14.12 4.76 4.75
N SER A 25 14.13 4.75 4.75
CA SER A 25 15.46 5.29 4.49
CA SER A 25 15.46 5.29 4.49
C SER A 25 15.66 5.56 3.00
C SER A 25 15.67 5.56 3.01
N TYR A 26 15.19 4.65 2.16
CA TYR A 26 15.29 4.88 0.72
C TYR A 26 14.55 6.13 0.31
N LEU A 27 13.29 6.27 0.75
CA LEU A 27 12.49 7.39 0.27
C LEU A 27 13.08 8.71 0.74
N VAL A 28 13.63 8.74 1.95
CA VAL A 28 14.24 9.99 2.41
C VAL A 28 15.42 10.37 1.52
N THR A 29 16.18 9.41 1.04
CA THR A 29 17.31 9.75 0.17
C THR A 29 16.88 10.11 -1.24
N GLN A 30 15.61 9.84 -1.58
CA GLN A 30 15.05 10.17 -2.89
C GLN A 30 14.16 11.40 -2.86
N GLY A 31 14.15 12.14 -1.76
CA GLY A 31 13.48 13.43 -1.74
C GLY A 31 12.21 13.54 -0.92
N TRP A 32 11.75 12.46 -0.29
CA TRP A 32 10.64 12.55 0.65
C TRP A 32 11.14 13.08 1.97
N ASP A 33 10.32 13.91 2.63
CA ASP A 33 10.66 14.38 3.96
C ASP A 33 10.33 13.31 4.99
N ARG A 34 11.25 13.11 5.94
CA ARG A 34 11.02 12.07 6.93
C ARG A 34 9.75 12.33 7.71
N ASN A 35 9.35 13.58 7.82
CA ASN A 35 8.18 13.93 8.61
C ASN A 35 6.87 13.71 7.87
N GLN A 36 6.92 13.27 6.62
CA GLN A 36 5.70 12.94 5.90
C GLN A 36 5.57 11.44 5.64
N LEU A 37 6.33 10.62 6.37
CA LEU A 37 6.29 9.17 6.25
C LEU A 37 5.73 8.61 7.55
N PHE A 38 4.66 7.84 7.46
CA PHE A 38 3.93 7.37 8.63
C PHE A 38 3.67 5.87 8.50
N ALA A 39 4.06 5.10 9.51
CA ALA A 39 3.83 3.67 9.46
C ALA A 39 2.97 3.24 10.64
N ILE A 40 1.89 2.55 10.35
CA ILE A 40 0.93 2.12 11.37
C ILE A 40 1.44 0.88 12.08
N ASP A 41 1.01 0.71 13.32
CA ASP A 41 1.15 -0.55 14.05
C ASP A 41 -0.25 -1.08 14.37
N PHE A 42 -0.65 -2.16 13.71
CA PHE A 42 -1.91 -2.78 14.06
C PHE A 42 -1.80 -3.56 15.37
N ILE A 43 -2.90 -3.59 16.11
CA ILE A 43 -2.98 -4.41 17.32
C ILE A 43 -3.21 -5.87 16.95
N ASP A 44 -4.14 -6.11 16.04
CA ASP A 44 -4.44 -7.47 15.58
C ASP A 44 -3.43 -7.87 14.52
N LYS A 45 -2.40 -8.61 14.94
CA LYS A 45 -1.39 -9.06 14.00
C LYS A 45 -1.84 -10.18 13.09
N THR A 46 -3.07 -10.71 13.25
CA THR A 46 -3.57 -11.68 12.30
C THR A 46 -4.23 -11.04 11.09
N GLY A 47 -4.46 -9.74 11.08
CA GLY A 47 -4.89 -9.05 9.86
C GLY A 47 -6.38 -8.98 9.60
N ASN A 48 -7.23 -9.29 10.56
CA ASN A 48 -8.67 -9.27 10.32
C ASN A 48 -9.13 -7.88 9.93
N ASN A 49 -9.89 -7.80 8.84
CA ASN A 49 -10.39 -6.51 8.39
C ASN A 49 -11.29 -5.84 9.42
N ARG A 50 -12.04 -6.61 10.20
CA ARG A 50 -12.95 -5.95 11.13
C ARG A 50 -12.20 -5.14 12.17
N ASN A 51 -10.93 -5.51 12.45
CA ASN A 51 -10.07 -4.71 13.33
C ASN A 51 -9.22 -3.72 12.56
N ASN A 52 -8.55 -4.18 11.51
CA ASN A 52 -7.53 -3.36 10.87
C ASN A 52 -8.12 -2.32 9.95
N GLY A 53 -9.29 -2.58 9.35
CA GLY A 53 -9.95 -1.61 8.52
C GLY A 53 -10.26 -0.34 9.28
N PRO A 54 -10.99 -0.45 10.39
CA PRO A 54 -11.27 0.76 11.19
C PRO A 54 -10.02 1.41 11.75
N ARG A 55 -9.01 0.65 12.14
CA ARG A 55 -7.80 1.26 12.68
C ARG A 55 -7.08 2.05 11.59
N LEU A 56 -7.00 1.49 10.39
CA LEU A 56 -6.41 2.22 9.28
C LEU A 56 -7.20 3.48 8.97
N SER A 57 -8.53 3.40 8.97
CA SER A 57 -9.36 4.58 8.72
C SER A 57 -9.00 5.71 9.68
N ARG A 58 -8.92 5.39 10.96
CA ARG A 58 -8.65 6.45 11.94
C ARG A 58 -7.23 6.98 11.81
N PHE A 59 -6.28 6.11 11.46
CA PHE A 59 -4.90 6.54 11.28
C PHE A 59 -4.78 7.51 10.11
N VAL A 60 -5.44 7.20 9.00
CA VAL A 60 -5.43 8.10 7.84
C VAL A 60 -6.08 9.42 8.21
N LYS A 61 -7.20 9.37 8.93
CA LYS A 61 -7.86 10.61 9.36
C LYS A 61 -6.91 11.46 10.18
N ASP A 62 -6.14 10.82 11.08
N ASP A 62 -6.14 10.83 11.08
CA ASP A 62 -5.19 11.55 11.91
CA ASP A 62 -5.20 11.58 11.91
C ASP A 62 -4.07 12.16 11.08
C ASP A 62 -4.06 12.16 11.08
N VAL A 63 -3.56 11.42 10.09
CA VAL A 63 -2.50 11.93 9.22
C VAL A 63 -3.00 13.13 8.43
N LEU A 64 -4.20 13.03 7.86
CA LEU A 64 -4.74 14.17 7.12
C LEU A 64 -4.93 15.35 8.04
N GLY A 65 -5.39 15.11 9.27
CA GLY A 65 -5.63 16.19 10.21
C GLY A 65 -4.36 16.88 10.67
N LYS A 66 -3.24 16.17 10.75
CA LYS A 66 -2.01 16.82 11.21
C LYS A 66 -1.16 17.38 10.08
N THR A 67 -1.41 16.98 8.84
CA THR A 67 -0.67 17.52 7.70
C THR A 67 -1.47 18.53 6.90
N GLY A 68 -2.79 18.44 6.90
CA GLY A 68 -3.59 19.28 6.04
C GLY A 68 -3.60 18.85 4.58
N ALA A 69 -3.07 17.68 4.27
CA ALA A 69 -3.09 17.19 2.91
C ALA A 69 -4.50 16.83 2.48
N LYS A 70 -4.71 16.78 1.15
CA LYS A 70 -6.02 16.37 0.66
C LYS A 70 -6.13 14.85 0.57
N LYS A 71 -5.03 14.17 0.29
CA LYS A 71 -5.04 12.72 0.15
C LYS A 71 -3.73 12.16 0.66
N VAL A 72 -3.75 10.88 1.00
CA VAL A 72 -2.55 10.13 1.35
C VAL A 72 -2.24 9.15 0.23
N ASP A 73 -0.99 8.73 0.20
CA ASP A 73 -0.53 7.59 -0.58
C ASP A 73 -0.31 6.42 0.37
N ILE A 74 -0.40 5.20 -0.15
CA ILE A 74 -0.30 3.99 0.67
C ILE A 74 0.77 3.08 0.10
N VAL A 75 1.63 2.55 0.96
CA VAL A 75 2.50 1.43 0.64
C VAL A 75 2.14 0.31 1.60
N ALA A 76 1.79 -0.85 1.04
CA ALA A 76 1.23 -1.93 1.84
C ALA A 76 1.92 -3.24 1.52
N HIS A 77 2.16 -4.05 2.55
CA HIS A 77 2.83 -5.34 2.41
C HIS A 77 1.88 -6.46 2.79
N SER A 78 1.79 -7.50 1.96
CA SER A 78 1.05 -8.72 2.27
C SER A 78 -0.40 -8.39 2.69
N MET A 79 -0.83 -8.81 3.89
CA MET A 79 -2.21 -8.58 4.31
C MET A 79 -2.57 -7.10 4.38
N GLY A 80 -1.58 -6.22 4.48
CA GLY A 80 -1.85 -4.79 4.44
C GLY A 80 -2.54 -4.37 3.16
N GLY A 81 -2.30 -5.09 2.07
CA GLY A 81 -2.99 -4.80 0.83
C GLY A 81 -4.48 -5.08 0.92
N ALA A 82 -4.83 -6.22 1.51
CA ALA A 82 -6.25 -6.53 1.72
C ALA A 82 -6.88 -5.52 2.65
N ASN A 83 -6.19 -5.14 3.73
CA ASN A 83 -6.77 -4.18 4.66
C ASN A 83 -7.03 -2.84 3.95
N THR A 84 -6.11 -2.42 3.08
CA THR A 84 -6.25 -1.18 2.34
C THR A 84 -7.45 -1.22 1.40
N LEU A 85 -7.61 -2.33 0.66
CA LEU A 85 -8.75 -2.47 -0.24
C LEU A 85 -10.06 -2.53 0.50
N TYR A 86 -10.09 -3.14 1.69
CA TYR A 86 -11.32 -3.14 2.49
C TYR A 86 -11.70 -1.73 2.92
N TYR A 87 -10.72 -0.94 3.35
CA TYR A 87 -10.93 0.45 3.70
C TYR A 87 -11.50 1.23 2.53
N ILE A 88 -11.00 0.98 1.32
CA ILE A 88 -11.50 1.68 0.14
C ILE A 88 -12.90 1.22 -0.24
N LYS A 89 -13.14 -0.09 -0.17
CA LYS A 89 -14.38 -0.69 -0.68
C LYS A 89 -15.55 -0.47 0.28
N ASN A 90 -15.34 -0.70 1.57
CA ASN A 90 -16.43 -0.77 2.53
C ASN A 90 -16.50 0.40 3.50
N LEU A 91 -15.39 1.06 3.76
CA LEU A 91 -15.33 2.13 4.74
C LEU A 91 -15.16 3.47 4.02
N ASP A 92 -14.48 4.41 4.67
CA ASP A 92 -14.48 5.81 4.24
C ASP A 92 -13.22 6.20 3.48
N GLY A 93 -12.55 5.25 2.84
CA GLY A 93 -11.30 5.53 2.18
C GLY A 93 -11.40 5.92 0.73
N GLY A 94 -12.60 5.89 0.14
CA GLY A 94 -12.75 6.04 -1.29
C GLY A 94 -12.32 7.39 -1.84
N ASP A 95 -12.34 8.43 -1.01
CA ASP A 95 -11.99 9.76 -1.45
C ASP A 95 -10.74 10.32 -0.74
N LYS A 96 -9.97 9.47 -0.07
CA LYS A 96 -8.84 9.94 0.73
C LYS A 96 -7.49 9.45 0.26
N ILE A 97 -7.43 8.70 -0.84
CA ILE A 97 -6.21 8.03 -1.27
C ILE A 97 -5.94 8.40 -2.72
N GLU A 98 -4.66 8.65 -3.04
CA GLU A 98 -4.28 8.94 -4.41
C GLU A 98 -3.52 7.76 -5.02
N ASN A 99 -2.31 7.45 -4.53
CA ASN A 99 -1.47 6.41 -5.08
C ASN A 99 -1.36 5.25 -4.11
N VAL A 100 -1.51 4.02 -4.62
CA VAL A 100 -1.39 2.81 -3.82
C VAL A 100 -0.30 1.93 -4.43
N VAL A 101 0.62 1.47 -3.60
CA VAL A 101 1.61 0.46 -3.98
C VAL A 101 1.45 -0.72 -3.04
N THR A 102 1.22 -1.92 -3.59
CA THR A 102 1.22 -3.11 -2.74
C THR A 102 2.43 -3.99 -3.08
N LEU A 103 2.99 -4.60 -2.05
CA LEU A 103 4.19 -5.45 -2.12
C LEU A 103 3.77 -6.84 -1.67
N GLY A 104 3.77 -7.81 -2.59
CA GLY A 104 3.30 -9.13 -2.21
C GLY A 104 1.94 -9.09 -1.58
N GLY A 105 1.03 -8.28 -2.13
CA GLY A 105 -0.24 -8.04 -1.47
C GLY A 105 -1.15 -9.26 -1.52
N ALA A 106 -1.82 -9.51 -0.40
CA ALA A 106 -2.89 -10.52 -0.38
C ALA A 106 -4.21 -9.89 -0.80
N ASN A 107 -4.17 -9.23 -1.95
CA ASN A 107 -5.23 -8.30 -2.32
C ASN A 107 -6.55 -9.02 -2.61
N GLY A 108 -6.47 -10.15 -3.29
CA GLY A 108 -7.66 -10.86 -3.74
C GLY A 108 -8.48 -11.48 -2.63
N LEU A 109 -8.03 -11.41 -1.38
CA LEU A 109 -8.94 -11.77 -0.30
C LEU A 109 -10.05 -10.75 -0.17
N VAL A 110 -9.90 -9.56 -0.73
CA VAL A 110 -10.92 -8.51 -0.70
C VAL A 110 -11.43 -8.14 -2.09
N SER A 111 -10.50 -7.91 -3.03
CA SER A 111 -10.87 -7.53 -4.38
C SER A 111 -9.78 -7.95 -5.33
N LEU A 112 -10.15 -8.42 -6.51
CA LEU A 112 -9.16 -8.59 -7.56
C LEU A 112 -9.19 -7.45 -8.56
N ARG A 113 -9.95 -6.39 -8.28
CA ARG A 113 -9.97 -5.20 -9.12
C ARG A 113 -9.28 -4.03 -8.43
N ALA A 114 -8.61 -3.22 -9.23
CA ALA A 114 -8.05 -1.95 -8.77
C ALA A 114 -9.20 -0.97 -8.61
N LEU A 115 -9.68 -0.82 -7.37
CA LEU A 115 -10.91 -0.05 -7.12
C LEU A 115 -10.64 1.43 -7.34
N PRO A 116 -11.44 2.11 -8.19
CA PRO A 116 -11.12 3.51 -8.51
C PRO A 116 -11.46 4.49 -7.41
N GLY A 117 -12.25 4.12 -6.42
CA GLY A 117 -12.65 5.08 -5.42
C GLY A 117 -13.77 5.97 -5.90
N THR A 118 -14.01 7.04 -5.14
CA THR A 118 -15.23 7.85 -5.30
C THR A 118 -14.97 9.31 -5.59
N ASP A 119 -13.73 9.70 -5.87
CA ASP A 119 -13.43 11.05 -6.28
C ASP A 119 -13.53 11.10 -7.80
N PRO A 120 -14.55 11.72 -8.38
CA PRO A 120 -14.69 11.65 -9.84
C PRO A 120 -13.59 12.37 -10.56
N ASN A 121 -12.91 13.29 -9.88
CA ASN A 121 -11.81 14.02 -10.49
C ASN A 121 -10.51 13.24 -10.48
N GLN A 122 -10.45 12.08 -9.83
CA GLN A 122 -9.16 11.42 -9.65
C GLN A 122 -9.34 9.97 -9.22
N LYS A 123 -9.11 9.05 -10.15
CA LYS A 123 -9.14 7.63 -9.82
C LYS A 123 -7.93 7.29 -8.95
N ILE A 124 -8.13 6.39 -8.01
CA ILE A 124 -7.01 5.83 -7.24
C ILE A 124 -6.14 5.02 -8.19
N LEU A 125 -4.83 5.25 -8.13
CA LEU A 125 -3.86 4.61 -9.02
C LEU A 125 -3.10 3.53 -8.26
N TYR A 126 -2.86 2.40 -8.93
CA TYR A 126 -2.27 1.24 -8.28
C TYR A 126 -1.02 0.70 -8.98
N THR A 127 -0.06 0.29 -8.16
CA THR A 127 1.07 -0.52 -8.57
C THR A 127 1.08 -1.74 -7.66
N SER A 128 1.01 -2.93 -8.25
CA SER A 128 1.06 -4.17 -7.49
C SER A 128 2.35 -4.88 -7.88
N VAL A 129 3.26 -5.00 -6.94
CA VAL A 129 4.56 -5.65 -7.17
C VAL A 129 4.51 -7.02 -6.51
N TYR A 130 4.90 -8.06 -7.24
CA TYR A 130 4.92 -9.39 -6.66
C TYR A 130 6.05 -10.20 -7.29
N SER A 131 6.47 -11.24 -6.59
CA SER A 131 7.66 -11.99 -6.98
C SER A 131 7.33 -13.45 -7.23
N SER A 132 7.91 -14.00 -8.29
CA SER A 132 7.74 -15.42 -8.57
C SER A 132 8.37 -16.31 -7.49
N ALA A 133 9.22 -15.76 -6.63
CA ALA A 133 9.86 -16.54 -5.58
C ALA A 133 9.19 -16.38 -4.22
N ASP A 134 8.03 -15.73 -4.18
CA ASP A 134 7.32 -15.52 -2.93
C ASP A 134 6.67 -16.84 -2.50
N MET A 135 7.10 -17.37 -1.38
CA MET A 135 6.60 -18.65 -0.89
C MET A 135 5.45 -18.47 0.09
N ILE A 136 4.97 -17.26 0.28
CA ILE A 136 3.91 -16.96 1.24
C ILE A 136 2.61 -16.60 0.52
N VAL A 137 2.67 -15.64 -0.41
CA VAL A 137 1.48 -15.12 -1.08
C VAL A 137 1.57 -15.51 -2.55
N VAL A 138 0.67 -16.38 -3.00
N VAL A 138 0.68 -16.40 -3.00
CA VAL A 138 0.66 -16.77 -4.40
CA VAL A 138 0.67 -16.77 -4.41
C VAL A 138 0.33 -15.57 -5.26
C VAL A 138 0.35 -15.55 -5.24
N ASN A 139 0.91 -15.51 -6.46
CA ASN A 139 0.83 -14.27 -7.24
C ASN A 139 -0.59 -13.96 -7.73
N SER A 140 -1.44 -14.97 -7.82
CA SER A 140 -2.82 -14.75 -8.25
C SER A 140 -3.61 -13.97 -7.22
N LEU A 141 -3.14 -13.89 -5.96
CA LEU A 141 -3.77 -13.01 -4.98
C LEU A 141 -3.29 -11.58 -5.10
N SER A 142 -2.16 -11.35 -5.75
CA SER A 142 -1.55 -10.03 -5.79
C SER A 142 -1.94 -9.23 -7.01
N ARG A 143 -2.07 -9.91 -8.15
CA ARG A 143 -2.38 -9.23 -9.41
C ARG A 143 -3.78 -8.61 -9.35
N LEU A 144 -3.89 -7.34 -9.75
CA LEU A 144 -5.15 -6.62 -9.75
C LEU A 144 -5.51 -6.19 -11.15
N ILE A 145 -6.71 -6.53 -11.60
CA ILE A 145 -7.10 -6.09 -12.93
C ILE A 145 -7.26 -4.58 -12.94
N GLY A 146 -6.61 -3.92 -13.91
CA GLY A 146 -6.61 -2.49 -14.06
C GLY A 146 -5.39 -1.79 -13.48
N ALA A 147 -4.60 -2.47 -12.66
CA ALA A 147 -3.43 -1.87 -12.04
C ALA A 147 -2.21 -1.98 -12.94
N ARG A 148 -1.14 -1.29 -12.55
CA ARG A 148 0.18 -1.60 -13.06
C ARG A 148 0.69 -2.79 -12.27
N ASN A 149 0.75 -3.94 -12.92
CA ASN A 149 1.20 -5.17 -12.27
C ASN A 149 2.63 -5.45 -12.67
N VAL A 150 3.49 -5.66 -11.68
CA VAL A 150 4.94 -5.78 -11.88
C VAL A 150 5.36 -7.12 -11.29
N LEU A 151 5.79 -8.03 -12.14
CA LEU A 151 6.30 -9.33 -11.73
C LEU A 151 7.82 -9.25 -11.70
N ILE A 152 8.41 -9.57 -10.55
CA ILE A 152 9.86 -9.68 -10.44
C ILE A 152 10.21 -11.13 -10.06
N HIS A 153 11.50 -11.45 -10.14
CA HIS A 153 11.97 -12.80 -9.88
C HIS A 153 13.07 -12.79 -8.84
N GLY A 154 13.18 -13.91 -8.12
CA GLY A 154 14.32 -14.18 -7.28
C GLY A 154 14.31 -13.57 -5.90
N VAL A 155 13.30 -12.77 -5.56
CA VAL A 155 13.23 -12.06 -4.29
C VAL A 155 12.12 -12.71 -3.45
N GLY A 156 12.44 -13.03 -2.19
CA GLY A 156 11.46 -13.62 -1.31
C GLY A 156 10.54 -12.59 -0.68
N HIS A 157 9.51 -13.10 0.00
CA HIS A 157 8.45 -12.24 0.53
C HIS A 157 8.97 -11.17 1.48
N ILE A 158 9.87 -11.54 2.38
CA ILE A 158 10.41 -10.58 3.34
C ILE A 158 11.41 -9.63 2.66
N SER A 159 12.17 -10.15 1.70
CA SER A 159 13.14 -9.30 1.01
C SER A 159 12.47 -8.26 0.13
N LEU A 160 11.16 -8.37 -0.12
CA LEU A 160 10.46 -7.28 -0.79
C LEU A 160 10.64 -5.97 -0.05
N LEU A 161 10.89 -6.04 1.26
CA LEU A 161 11.02 -4.84 2.08
C LEU A 161 12.43 -4.25 2.06
N ALA A 162 13.39 -4.95 1.45
CA ALA A 162 14.77 -4.48 1.36
C ALA A 162 15.25 -4.27 -0.06
N SER A 163 14.74 -5.02 -1.01
CA SER A 163 15.26 -5.04 -2.37
C SER A 163 15.28 -3.69 -3.05
N SER A 164 16.43 -3.34 -3.62
CA SER A 164 16.55 -2.09 -4.38
C SER A 164 15.62 -2.05 -5.57
N GLN A 165 15.43 -3.19 -6.25
CA GLN A 165 14.55 -3.23 -7.41
C GLN A 165 13.13 -2.89 -7.01
N VAL A 166 12.68 -3.43 -5.87
CA VAL A 166 11.32 -3.12 -5.40
C VAL A 166 11.19 -1.65 -5.06
N LYS A 167 12.19 -1.07 -4.40
CA LYS A 167 12.16 0.33 -4.02
C LYS A 167 11.97 1.24 -5.23
N GLY A 168 12.59 0.90 -6.36
CA GLY A 168 12.39 1.72 -7.55
C GLY A 168 10.94 1.77 -7.97
N TYR A 169 10.24 0.65 -7.90
CA TYR A 169 8.82 0.65 -8.26
C TYR A 169 7.98 1.39 -7.24
N ILE A 170 8.36 1.34 -5.97
CA ILE A 170 7.64 2.15 -4.98
C ILE A 170 7.74 3.61 -5.33
N LYS A 171 8.96 4.08 -5.63
CA LYS A 171 9.17 5.47 -6.05
C LYS A 171 8.34 5.81 -7.27
N GLU A 172 8.35 4.96 -8.29
CA GLU A 172 7.53 5.23 -9.47
C GLU A 172 6.05 5.36 -9.11
N GLY A 173 5.55 4.49 -8.23
CA GLY A 173 4.15 4.53 -7.89
C GLY A 173 3.79 5.78 -7.11
N LEU A 174 4.64 6.16 -6.16
CA LEU A 174 4.35 7.33 -5.34
C LEU A 174 4.46 8.62 -6.15
N ASN A 175 5.20 8.60 -7.25
CA ASN A 175 5.31 9.75 -8.14
C ASN A 175 4.25 9.73 -9.25
N GLY A 176 3.22 8.92 -9.14
CA GLY A 176 2.10 8.94 -10.06
C GLY A 176 2.18 7.98 -11.20
N GLY A 177 3.06 6.97 -11.12
CA GLY A 177 3.30 6.03 -12.17
C GLY A 177 2.49 4.76 -12.13
N GLY A 178 1.55 4.62 -11.21
CA GLY A 178 0.62 3.52 -11.22
C GLY A 178 -0.43 3.71 -12.31
N GLN A 179 -1.39 2.78 -12.36
CA GLN A 179 -2.44 2.85 -13.35
C GLN A 179 -3.77 2.47 -12.72
N ASN A 180 -4.85 2.86 -13.39
CA ASN A 180 -6.16 2.28 -13.11
C ASN A 180 -6.98 2.39 -14.40
N THR A 181 -7.00 1.31 -15.17
CA THR A 181 -7.70 1.30 -16.44
C THR A 181 -9.10 0.74 -16.31
N ASN A 182 -9.60 0.59 -15.09
CA ASN A 182 -11.00 0.20 -14.92
C ASN A 182 -11.89 1.40 -15.22
N LEU A 183 -13.17 1.09 -15.46
CA LEU A 183 -14.18 2.10 -15.63
C LEU A 183 -14.56 2.69 -14.26
N GLU A 184 -14.92 3.96 -14.26
CA GLU A 184 -15.31 4.65 -13.02
C GLU A 184 -16.70 4.23 -12.56
#